data_2FQA
#
_entry.id   2FQA
#
_entity_poly.entity_id   1
_entity_poly.type   'polypeptide(L)'
_entity_poly.pdbx_seq_one_letter_code
;SAISCGETCFKFKCYTPRCSCSYPVCK
;
_entity_poly.pdbx_strand_id   A
#
# COMPACT_ATOMS: atom_id res chain seq x y z
N SER A 1 -3.04 8.42 -3.05
CA SER A 1 -3.35 7.02 -2.69
C SER A 1 -4.75 6.92 -2.13
N ALA A 2 -5.32 5.73 -2.18
CA ALA A 2 -6.67 5.51 -1.68
C ALA A 2 -6.69 5.43 -0.15
N ILE A 3 -7.80 4.97 0.39
CA ILE A 3 -7.97 4.85 1.83
C ILE A 3 -7.09 3.74 2.41
N SER A 4 -6.92 2.67 1.65
CA SER A 4 -6.13 1.53 2.09
C SER A 4 -4.61 1.78 2.03
N CYS A 5 -4.20 2.96 2.45
CA CYS A 5 -2.80 3.33 2.48
C CYS A 5 -2.50 3.94 3.84
N GLY A 6 -2.05 5.19 3.85
CA GLY A 6 -1.75 5.91 5.08
C GLY A 6 -0.84 5.16 6.05
N GLU A 7 0.06 4.33 5.54
CA GLU A 7 0.97 3.58 6.40
C GLU A 7 2.10 2.96 5.60
N THR A 8 2.96 2.22 6.30
CA THR A 8 4.07 1.52 5.69
C THR A 8 3.56 0.24 5.05
N CYS A 9 4.34 -0.39 4.20
CA CYS A 9 3.86 -1.60 3.58
C CYS A 9 5.01 -2.53 3.22
N PHE A 10 5.14 -3.57 4.00
CA PHE A 10 6.19 -4.56 3.80
C PHE A 10 5.71 -5.66 2.84
N LYS A 11 6.57 -5.97 1.88
CA LYS A 11 6.34 -7.00 0.87
C LYS A 11 5.26 -6.59 -0.13
N PHE A 12 4.04 -7.06 0.07
CA PHE A 12 2.95 -6.76 -0.82
C PHE A 12 1.63 -6.78 -0.07
N LYS A 13 1.49 -5.87 0.88
CA LYS A 13 0.28 -5.81 1.68
C LYS A 13 -0.79 -4.98 0.98
N CYS A 14 -0.37 -3.89 0.36
CA CYS A 14 -1.29 -3.02 -0.35
C CYS A 14 -1.46 -3.46 -1.80
N TYR A 15 -2.70 -3.64 -2.22
CA TYR A 15 -3.02 -4.04 -3.59
C TYR A 15 -4.38 -3.47 -3.96
N THR A 16 -4.71 -2.36 -3.32
CA THR A 16 -5.95 -1.65 -3.54
C THR A 16 -5.73 -0.59 -4.63
N PRO A 17 -6.74 -0.31 -5.47
CA PRO A 17 -6.60 0.68 -6.54
C PRO A 17 -6.00 2.00 -6.02
N ARG A 18 -4.86 2.36 -6.61
CA ARG A 18 -4.13 3.57 -6.23
C ARG A 18 -3.59 3.48 -4.80
N CYS A 19 -3.20 2.27 -4.43
CA CYS A 19 -2.64 1.97 -3.12
C CYS A 19 -1.71 0.78 -3.28
N SER A 20 -0.58 1.02 -3.93
CA SER A 20 0.37 -0.04 -4.22
C SER A 20 1.41 -0.23 -3.10
N CYS A 21 1.67 -1.49 -2.78
CA CYS A 21 2.63 -1.83 -1.75
C CYS A 21 4.04 -1.79 -2.33
N SER A 22 4.63 -0.61 -2.33
CA SER A 22 5.97 -0.42 -2.83
C SER A 22 6.94 -0.55 -1.66
N TYR A 23 7.18 -1.81 -1.28
CA TYR A 23 8.04 -2.15 -0.16
C TYR A 23 9.19 -1.16 0.03
N PRO A 24 9.26 -0.53 1.21
CA PRO A 24 8.33 -0.75 2.32
C PRO A 24 7.31 0.39 2.51
N VAL A 25 6.71 0.90 1.45
CA VAL A 25 5.74 1.99 1.60
C VAL A 25 4.50 1.74 0.77
N CYS A 26 3.36 2.09 1.33
CA CYS A 26 2.08 1.94 0.65
C CYS A 26 1.76 3.24 -0.10
N LYS A 27 1.59 3.15 -1.41
CA LYS A 27 1.29 4.32 -2.21
C LYS A 27 0.50 3.93 -3.46
N SER A 1 -10.18 3.68 -5.44
CA SER A 1 -10.83 4.96 -5.10
C SER A 1 -10.34 5.46 -3.75
N ALA A 2 -10.64 4.71 -2.69
CA ALA A 2 -10.22 5.08 -1.36
C ALA A 2 -8.75 4.74 -1.16
N ILE A 3 -7.95 5.74 -0.86
CA ILE A 3 -6.52 5.54 -0.65
C ILE A 3 -6.25 5.09 0.79
N SER A 4 -6.84 3.96 1.15
CA SER A 4 -6.70 3.41 2.48
C SER A 4 -5.34 2.73 2.65
N CYS A 5 -4.29 3.48 2.37
CA CYS A 5 -2.94 2.99 2.45
C CYS A 5 -2.06 4.04 3.12
N GLY A 6 -1.03 4.49 2.43
CA GLY A 6 -0.14 5.51 2.96
C GLY A 6 0.85 4.98 3.99
N GLU A 7 0.44 3.97 4.76
CA GLU A 7 1.31 3.42 5.80
C GLU A 7 2.40 2.51 5.22
N THR A 8 3.20 1.97 6.12
CA THR A 8 4.31 1.10 5.77
C THR A 8 3.84 -0.31 5.39
N CYS A 9 4.52 -0.90 4.43
CA CYS A 9 4.20 -2.23 3.97
C CYS A 9 5.46 -2.90 3.42
N PHE A 10 6.01 -3.82 4.20
CA PHE A 10 7.23 -4.52 3.84
C PHE A 10 6.94 -5.82 3.07
N LYS A 11 6.12 -5.73 2.02
CA LYS A 11 5.78 -6.91 1.21
C LYS A 11 4.90 -6.52 0.03
N PHE A 12 3.66 -6.98 0.04
CA PHE A 12 2.69 -6.68 -1.02
C PHE A 12 1.29 -6.73 -0.42
N LYS A 13 1.11 -6.00 0.67
CA LYS A 13 -0.17 -5.96 1.37
C LYS A 13 -1.11 -4.94 0.76
N CYS A 14 -0.55 -3.86 0.25
CA CYS A 14 -1.37 -2.82 -0.36
C CYS A 14 -1.57 -3.11 -1.84
N TYR A 15 -2.81 -3.41 -2.18
CA TYR A 15 -3.18 -3.70 -3.56
C TYR A 15 -4.56 -3.10 -3.85
N THR A 16 -4.89 -2.08 -3.08
CA THR A 16 -6.15 -1.36 -3.21
C THR A 16 -6.14 -0.51 -4.49
N PRO A 17 -7.30 -0.32 -5.16
CA PRO A 17 -7.36 0.49 -6.39
C PRO A 17 -6.70 1.85 -6.19
N ARG A 18 -5.58 2.05 -6.91
CA ARG A 18 -4.76 3.25 -6.83
C ARG A 18 -3.92 3.22 -5.55
N CYS A 19 -3.39 2.05 -5.26
CA CYS A 19 -2.55 1.83 -4.10
C CYS A 19 -1.61 0.67 -4.37
N SER A 20 -0.34 0.85 -4.06
CA SER A 20 0.63 -0.19 -4.29
C SER A 20 1.60 -0.28 -3.12
N CYS A 21 1.83 -1.50 -2.67
CA CYS A 21 2.75 -1.74 -1.59
C CYS A 21 4.17 -1.67 -2.12
N SER A 22 4.72 -0.47 -2.10
CA SER A 22 6.06 -0.23 -2.57
C SER A 22 6.97 -0.29 -1.38
N TYR A 23 7.34 -1.52 -1.02
CA TYR A 23 8.16 -1.77 0.15
C TYR A 23 9.25 -0.71 0.31
N PRO A 24 9.34 -0.16 1.52
CA PRO A 24 8.49 -0.55 2.62
C PRO A 24 7.35 0.45 2.92
N VAL A 25 6.68 1.00 1.89
CA VAL A 25 5.60 1.97 2.14
C VAL A 25 4.55 1.90 1.04
N CYS A 26 3.29 1.95 1.45
CA CYS A 26 2.18 1.93 0.54
C CYS A 26 2.03 3.30 -0.12
N LYS A 27 1.84 3.31 -1.43
CA LYS A 27 1.71 4.53 -2.17
C LYS A 27 0.55 4.45 -3.14
N SER A 1 -5.23 -0.78 5.88
CA SER A 1 -6.71 -0.65 5.96
C SER A 1 -7.35 -1.07 4.63
N ALA A 2 -8.38 -0.36 4.20
CA ALA A 2 -9.03 -0.66 2.93
C ALA A 2 -8.22 -0.01 1.81
N ILE A 3 -8.29 1.32 1.75
CA ILE A 3 -7.53 2.09 0.79
C ILE A 3 -6.17 2.41 1.42
N SER A 4 -5.45 1.35 1.74
CA SER A 4 -4.17 1.45 2.41
C SER A 4 -3.14 2.23 1.61
N CYS A 5 -2.72 3.34 2.17
CA CYS A 5 -1.73 4.21 1.59
C CYS A 5 -0.95 4.89 2.71
N GLY A 6 -1.68 5.32 3.72
CA GLY A 6 -1.05 5.95 4.87
C GLY A 6 -0.49 4.94 5.85
N GLU A 7 0.19 3.93 5.33
CA GLU A 7 0.79 2.89 6.15
C GLU A 7 1.96 2.26 5.40
N THR A 8 2.88 1.71 6.16
CA THR A 8 4.07 1.08 5.61
C THR A 8 3.81 -0.37 5.23
N CYS A 9 4.60 -0.88 4.29
CA CYS A 9 4.45 -2.25 3.85
C CYS A 9 5.77 -2.79 3.32
N PHE A 10 6.40 -3.63 4.11
CA PHE A 10 7.66 -4.25 3.73
C PHE A 10 7.43 -5.63 3.12
N LYS A 11 6.39 -5.75 2.28
CA LYS A 11 6.07 -7.03 1.64
C LYS A 11 5.06 -6.82 0.50
N PHE A 12 3.88 -7.40 0.65
CA PHE A 12 2.80 -7.30 -0.34
C PHE A 12 1.48 -7.17 0.39
N LYS A 13 1.34 -6.10 1.15
CA LYS A 13 0.15 -5.87 1.96
C LYS A 13 -0.93 -5.12 1.19
N CYS A 14 -0.57 -3.97 0.64
CA CYS A 14 -1.51 -3.15 -0.09
C CYS A 14 -1.53 -3.51 -1.57
N TYR A 15 -2.72 -3.46 -2.17
CA TYR A 15 -2.89 -3.77 -3.58
C TYR A 15 -4.17 -3.12 -4.11
N THR A 16 -4.51 -2.01 -3.48
CA THR A 16 -5.70 -1.24 -3.82
C THR A 16 -5.33 -0.25 -4.93
N PRO A 17 -6.27 0.08 -5.86
CA PRO A 17 -5.99 1.01 -6.94
C PRO A 17 -5.45 2.33 -6.40
N ARG A 18 -4.25 2.71 -6.85
CA ARG A 18 -3.57 3.94 -6.42
C ARG A 18 -3.16 3.84 -4.94
N CYS A 19 -3.10 2.62 -4.42
CA CYS A 19 -2.73 2.37 -3.05
C CYS A 19 -2.13 0.97 -2.94
N SER A 20 -1.02 0.74 -3.64
CA SER A 20 -0.37 -0.57 -3.64
C SER A 20 0.82 -0.59 -2.71
N CYS A 21 1.25 -1.78 -2.40
CA CYS A 21 2.39 -1.96 -1.53
C CYS A 21 3.68 -1.76 -2.31
N SER A 22 4.12 -0.52 -2.36
CA SER A 22 5.34 -0.15 -3.04
C SER A 22 6.42 -0.15 -1.99
N TYR A 23 6.78 -1.36 -1.56
CA TYR A 23 7.75 -1.56 -0.50
C TYR A 23 8.84 -0.50 -0.48
N PRO A 24 9.06 0.07 0.70
CA PRO A 24 8.36 -0.33 1.91
C PRO A 24 7.20 0.61 2.31
N VAL A 25 6.41 1.11 1.34
CA VAL A 25 5.29 2.01 1.67
C VAL A 25 4.14 1.82 0.70
N CYS A 26 2.92 1.92 1.20
CA CYS A 26 1.76 1.76 0.35
C CYS A 26 1.45 3.08 -0.38
N LYS A 27 1.46 3.02 -1.70
CA LYS A 27 1.20 4.18 -2.54
C LYS A 27 0.65 3.71 -3.89
N SER A 1 -12.77 4.64 0.69
CA SER A 1 -11.70 5.37 -0.02
C SER A 1 -10.83 4.40 -0.81
N ALA A 2 -10.28 4.86 -1.93
CA ALA A 2 -9.44 4.02 -2.76
C ALA A 2 -8.02 3.95 -2.21
N ILE A 3 -7.39 5.12 -2.09
CA ILE A 3 -6.02 5.21 -1.58
C ILE A 3 -5.99 5.10 -0.04
N SER A 4 -6.63 4.06 0.48
CA SER A 4 -6.67 3.81 1.90
C SER A 4 -5.37 3.13 2.34
N CYS A 5 -4.26 3.75 2.01
CA CYS A 5 -2.96 3.22 2.33
C CYS A 5 -2.09 4.28 2.99
N GLY A 6 -1.03 4.69 2.32
CA GLY A 6 -0.15 5.72 2.85
C GLY A 6 0.88 5.18 3.85
N GLU A 7 0.45 4.25 4.70
CA GLU A 7 1.31 3.69 5.73
C GLU A 7 2.37 2.74 5.15
N THR A 8 3.08 2.06 6.05
CA THR A 8 4.14 1.14 5.69
C THR A 8 3.61 -0.21 5.18
N CYS A 9 4.40 -0.85 4.33
CA CYS A 9 4.04 -2.14 3.75
C CYS A 9 5.29 -2.95 3.44
N PHE A 10 5.76 -3.72 4.42
CA PHE A 10 6.96 -4.53 4.25
C PHE A 10 6.70 -5.82 3.46
N LYS A 11 6.07 -5.68 2.30
CA LYS A 11 5.75 -6.83 1.45
C LYS A 11 5.00 -6.37 0.19
N PHE A 12 3.77 -6.87 0.03
CA PHE A 12 2.93 -6.52 -1.10
C PHE A 12 1.46 -6.61 -0.70
N LYS A 13 1.13 -6.05 0.46
CA LYS A 13 -0.22 -6.11 0.98
C LYS A 13 -1.10 -4.95 0.51
N CYS A 14 -0.50 -3.82 0.19
CA CYS A 14 -1.28 -2.68 -0.26
C CYS A 14 -1.53 -2.75 -1.75
N TYR A 15 -2.38 -3.69 -2.14
CA TYR A 15 -2.76 -3.89 -3.52
C TYR A 15 -4.16 -3.30 -3.76
N THR A 16 -4.49 -2.34 -2.92
CA THR A 16 -5.78 -1.65 -2.97
C THR A 16 -5.88 -0.80 -4.25
N PRO A 17 -7.09 -0.67 -4.82
CA PRO A 17 -7.29 0.12 -6.04
C PRO A 17 -6.73 1.54 -5.89
N ARG A 18 -5.84 1.92 -6.80
CA ARG A 18 -5.20 3.23 -6.79
C ARG A 18 -4.25 3.33 -5.59
N CYS A 19 -3.60 2.22 -5.28
CA CYS A 19 -2.65 2.13 -4.18
C CYS A 19 -1.62 1.05 -4.50
N SER A 20 -0.37 1.33 -4.20
CA SER A 20 0.70 0.39 -4.47
C SER A 20 1.58 0.15 -3.26
N CYS A 21 1.84 -1.12 -2.98
CA CYS A 21 2.69 -1.48 -1.88
C CYS A 21 4.14 -1.52 -2.36
N SER A 22 4.79 -0.37 -2.29
CA SER A 22 6.17 -0.27 -2.71
C SER A 22 7.01 -0.49 -1.47
N TYR A 23 7.29 -1.76 -1.19
CA TYR A 23 8.02 -2.15 0.00
C TYR A 23 9.18 -1.19 0.27
N PRO A 24 9.24 -0.71 1.51
CA PRO A 24 8.31 -1.06 2.54
C PRO A 24 7.24 0.01 2.86
N VAL A 25 6.62 0.63 1.84
CA VAL A 25 5.62 1.66 2.10
C VAL A 25 4.51 1.68 1.05
N CYS A 26 3.28 1.90 1.50
CA CYS A 26 2.14 1.98 0.61
C CYS A 26 2.01 3.39 0.06
N LYS A 27 1.96 3.52 -1.25
CA LYS A 27 1.82 4.82 -1.87
C LYS A 27 0.85 4.73 -3.04
N SER A 1 -7.53 0.19 7.44
CA SER A 1 -6.69 0.42 6.26
C SER A 1 -7.52 0.51 4.98
N ALA A 2 -8.57 1.33 5.00
CA ALA A 2 -9.42 1.50 3.82
C ALA A 2 -8.57 2.09 2.69
N ILE A 3 -7.93 3.21 3.00
CA ILE A 3 -7.03 3.85 2.07
C ILE A 3 -5.64 3.30 2.36
N SER A 4 -5.38 2.11 1.81
CA SER A 4 -4.12 1.40 2.00
C SER A 4 -2.91 2.13 1.41
N CYS A 5 -2.66 3.33 1.90
CA CYS A 5 -1.57 4.15 1.43
C CYS A 5 -0.79 4.71 2.62
N GLY A 6 -1.54 5.20 3.60
CA GLY A 6 -0.94 5.77 4.79
C GLY A 6 -0.07 4.79 5.54
N GLU A 7 -0.45 3.51 5.51
CA GLU A 7 0.31 2.48 6.21
C GLU A 7 1.55 2.07 5.44
N THR A 8 2.56 1.67 6.19
CA THR A 8 3.81 1.20 5.62
C THR A 8 3.63 -0.25 5.17
N CYS A 9 4.47 -0.71 4.26
CA CYS A 9 4.35 -2.07 3.77
C CYS A 9 5.68 -2.60 3.26
N PHE A 10 6.32 -3.41 4.08
CA PHE A 10 7.60 -4.00 3.71
C PHE A 10 7.43 -5.39 3.09
N LYS A 11 6.35 -5.57 2.33
CA LYS A 11 6.06 -6.86 1.66
C LYS A 11 5.10 -6.66 0.48
N PHE A 12 3.88 -7.17 0.62
CA PHE A 12 2.86 -7.04 -0.42
C PHE A 12 1.47 -7.05 0.24
N LYS A 13 1.26 -6.12 1.16
CA LYS A 13 0.01 -6.02 1.89
C LYS A 13 -1.01 -5.13 1.16
N CYS A 14 -0.54 -4.02 0.63
CA CYS A 14 -1.42 -3.10 -0.08
C CYS A 14 -1.50 -3.47 -1.56
N TYR A 15 -2.71 -3.43 -2.11
CA TYR A 15 -2.93 -3.74 -3.52
C TYR A 15 -4.23 -3.10 -3.98
N THR A 16 -4.52 -1.98 -3.34
CA THR A 16 -5.70 -1.19 -3.63
C THR A 16 -5.37 -0.18 -4.73
N PRO A 17 -6.33 0.21 -5.59
CA PRO A 17 -6.08 1.17 -6.68
C PRO A 17 -5.39 2.44 -6.17
N ARG A 18 -4.16 2.66 -6.64
CA ARG A 18 -3.34 3.82 -6.26
C ARG A 18 -3.01 3.77 -4.77
N CYS A 19 -2.94 2.55 -4.25
CA CYS A 19 -2.60 2.28 -2.88
C CYS A 19 -1.96 0.89 -2.83
N SER A 20 -0.92 0.73 -3.64
CA SER A 20 -0.22 -0.53 -3.76
C SER A 20 0.98 -0.61 -2.83
N CYS A 21 1.32 -1.82 -2.45
CA CYS A 21 2.43 -2.05 -1.56
C CYS A 21 3.76 -1.96 -2.30
N SER A 22 4.24 -0.75 -2.48
CA SER A 22 5.51 -0.51 -3.12
C SER A 22 6.55 -0.45 -2.03
N TYR A 23 6.94 -1.64 -1.55
CA TYR A 23 7.87 -1.77 -0.44
C TYR A 23 8.95 -0.70 -0.47
N PRO A 24 9.14 -0.03 0.67
CA PRO A 24 8.39 -0.30 1.87
C PRO A 24 7.26 0.69 2.18
N VAL A 25 6.48 1.12 1.16
CA VAL A 25 5.40 2.08 1.40
C VAL A 25 4.21 1.79 0.50
N CYS A 26 3.02 2.02 1.03
CA CYS A 26 1.79 1.83 0.28
C CYS A 26 1.47 3.10 -0.51
N LYS A 27 1.52 3.02 -1.84
CA LYS A 27 1.24 4.18 -2.69
C LYS A 27 0.73 3.76 -4.06
N SER A 1 -9.04 1.12 6.95
CA SER A 1 -9.18 2.08 5.83
C SER A 1 -9.25 1.34 4.49
N ALA A 2 -10.02 1.86 3.54
CA ALA A 2 -10.12 1.22 2.23
C ALA A 2 -8.79 1.38 1.48
N ILE A 3 -8.35 2.63 1.36
CA ILE A 3 -7.10 2.93 0.70
C ILE A 3 -5.99 2.99 1.75
N SER A 4 -5.55 1.82 2.20
CA SER A 4 -4.52 1.70 3.23
C SER A 4 -3.13 2.05 2.68
N CYS A 5 -3.01 3.23 2.09
CA CYS A 5 -1.73 3.66 1.54
C CYS A 5 -0.92 4.45 2.56
N GLY A 6 -1.63 5.16 3.42
CA GLY A 6 -0.97 5.96 4.46
C GLY A 6 -0.37 5.13 5.58
N GLU A 7 0.27 4.03 5.20
CA GLU A 7 0.90 3.13 6.16
C GLU A 7 1.99 2.32 5.45
N THR A 8 2.94 1.84 6.24
CA THR A 8 4.08 1.08 5.71
C THR A 8 3.70 -0.33 5.29
N CYS A 9 4.45 -0.86 4.32
CA CYS A 9 4.22 -2.20 3.81
C CYS A 9 5.54 -2.78 3.32
N PHE A 10 6.19 -3.56 4.19
CA PHE A 10 7.48 -4.17 3.88
C PHE A 10 7.37 -5.33 2.89
N LYS A 11 6.23 -5.99 2.88
CA LYS A 11 6.01 -7.13 1.98
C LYS A 11 5.14 -6.73 0.79
N PHE A 12 3.93 -7.26 0.74
CA PHE A 12 3.01 -6.96 -0.35
C PHE A 12 1.57 -7.10 0.15
N LYS A 13 1.00 -5.99 0.60
CA LYS A 13 -0.36 -6.02 1.11
C LYS A 13 -1.22 -4.94 0.46
N CYS A 14 -0.61 -3.85 0.05
CA CYS A 14 -1.38 -2.79 -0.58
C CYS A 14 -1.49 -3.04 -2.07
N TYR A 15 -2.71 -3.36 -2.49
CA TYR A 15 -3.02 -3.63 -3.87
C TYR A 15 -4.45 -3.19 -4.13
N THR A 16 -4.86 -2.20 -3.36
CA THR A 16 -6.18 -1.61 -3.46
C THR A 16 -6.21 -0.58 -4.59
N PRO A 17 -7.40 -0.20 -5.08
CA PRO A 17 -7.51 0.78 -6.16
C PRO A 17 -6.75 2.06 -5.85
N ARG A 18 -5.74 2.34 -6.68
CA ARG A 18 -4.89 3.52 -6.54
C ARG A 18 -4.02 3.41 -5.26
N CYS A 19 -3.55 2.21 -4.98
CA CYS A 19 -2.69 1.98 -3.84
C CYS A 19 -1.77 0.79 -4.10
N SER A 20 -0.46 1.03 -4.04
CA SER A 20 0.50 -0.02 -4.30
C SER A 20 1.53 -0.14 -3.18
N CYS A 21 1.77 -1.38 -2.78
CA CYS A 21 2.73 -1.65 -1.74
C CYS A 21 4.14 -1.64 -2.32
N SER A 22 4.76 -0.47 -2.30
CA SER A 22 6.11 -0.32 -2.79
C SER A 22 7.03 -0.40 -1.60
N TYR A 23 7.37 -1.62 -1.23
CA TYR A 23 8.20 -1.89 -0.06
C TYR A 23 9.28 -0.83 0.15
N PRO A 24 9.34 -0.32 1.38
CA PRO A 24 8.47 -0.73 2.46
C PRO A 24 7.34 0.26 2.77
N VAL A 25 6.68 0.85 1.75
CA VAL A 25 5.60 1.80 2.00
C VAL A 25 4.57 1.76 0.88
N CYS A 26 3.31 1.94 1.24
CA CYS A 26 2.23 1.95 0.26
C CYS A 26 2.10 3.33 -0.36
N LYS A 27 1.94 3.38 -1.68
CA LYS A 27 1.82 4.64 -2.38
C LYS A 27 0.99 4.48 -3.65
N SER A 1 -14.44 3.17 -1.09
CA SER A 1 -13.08 2.84 -0.64
C SER A 1 -12.17 2.65 -1.85
N ALA A 2 -10.89 3.00 -1.70
CA ALA A 2 -9.93 2.86 -2.78
C ALA A 2 -8.51 2.96 -2.24
N ILE A 3 -8.24 4.01 -1.49
CA ILE A 3 -6.93 4.23 -0.88
C ILE A 3 -6.76 3.33 0.35
N SER A 4 -6.92 2.02 0.15
CA SER A 4 -6.81 1.05 1.21
C SER A 4 -5.34 0.76 1.52
N CYS A 5 -4.60 1.82 1.83
CA CYS A 5 -3.19 1.72 2.14
C CYS A 5 -2.99 1.46 3.62
N GLY A 6 -3.41 2.42 4.43
CA GLY A 6 -3.30 2.29 5.87
C GLY A 6 -1.99 2.84 6.40
N GLU A 7 -0.88 2.31 5.91
CA GLU A 7 0.45 2.74 6.33
C GLU A 7 1.53 1.98 5.56
N THR A 8 2.72 2.01 6.11
CA THR A 8 3.87 1.33 5.53
C THR A 8 3.64 -0.17 5.42
N CYS A 9 4.32 -0.81 4.49
CA CYS A 9 4.18 -2.24 4.30
C CYS A 9 5.46 -2.82 3.72
N PHE A 10 6.22 -3.48 4.58
CA PHE A 10 7.49 -4.09 4.20
C PHE A 10 7.28 -5.41 3.45
N LYS A 11 6.42 -5.39 2.44
CA LYS A 11 6.14 -6.57 1.63
C LYS A 11 5.17 -6.21 0.50
N PHE A 12 3.95 -6.72 0.58
CA PHE A 12 2.93 -6.44 -0.42
C PHE A 12 1.55 -6.52 0.22
N LYS A 13 1.28 -5.60 1.13
CA LYS A 13 0.01 -5.57 1.83
C LYS A 13 -1.03 -4.72 1.10
N CYS A 14 -0.57 -3.67 0.45
CA CYS A 14 -1.45 -2.78 -0.28
C CYS A 14 -1.64 -3.27 -1.71
N TYR A 15 -2.89 -3.47 -2.09
CA TYR A 15 -3.25 -3.96 -3.42
C TYR A 15 -4.68 -3.56 -3.75
N THR A 16 -4.92 -2.27 -3.76
CA THR A 16 -6.23 -1.71 -4.04
C THR A 16 -6.07 -0.52 -4.97
N PRO A 17 -7.00 -0.33 -5.94
CA PRO A 17 -6.93 0.76 -6.92
C PRO A 17 -6.44 2.10 -6.34
N ARG A 18 -5.38 2.63 -6.96
CA ARG A 18 -4.75 3.88 -6.57
C ARG A 18 -3.95 3.75 -5.26
N CYS A 19 -3.54 2.53 -4.95
CA CYS A 19 -2.75 2.24 -3.76
C CYS A 19 -1.89 1.01 -4.01
N SER A 20 -0.57 1.15 -3.92
CA SER A 20 0.34 0.05 -4.17
C SER A 20 1.37 -0.11 -3.07
N CYS A 21 1.66 -1.36 -2.74
CA CYS A 21 2.63 -1.67 -1.72
C CYS A 21 4.00 -1.87 -2.36
N SER A 22 4.72 -0.78 -2.53
CA SER A 22 6.04 -0.80 -3.09
C SER A 22 7.01 -0.87 -1.93
N TYR A 23 7.14 -2.06 -1.36
CA TYR A 23 7.98 -2.30 -0.19
C TYR A 23 9.29 -1.52 -0.26
N PRO A 24 9.62 -0.84 0.82
CA PRO A 24 8.82 -0.83 2.03
C PRO A 24 7.93 0.41 2.16
N VAL A 25 7.20 0.78 1.10
CA VAL A 25 6.33 1.95 1.16
C VAL A 25 4.97 1.63 0.56
N CYS A 26 3.93 2.26 1.06
CA CYS A 26 2.59 2.02 0.55
C CYS A 26 1.96 3.31 0.07
N LYS A 27 1.73 3.41 -1.23
CA LYS A 27 1.10 4.58 -1.81
C LYS A 27 0.39 4.19 -3.09
N SER A 1 -12.00 -1.49 -0.77
CA SER A 1 -13.10 -0.54 -0.50
C SER A 1 -12.68 0.88 -0.84
N ALA A 2 -11.51 1.29 -0.36
CA ALA A 2 -10.99 2.62 -0.62
C ALA A 2 -9.47 2.60 -0.52
N ILE A 3 -8.84 3.74 -0.77
CA ILE A 3 -7.39 3.86 -0.71
C ILE A 3 -6.93 3.93 0.75
N SER A 4 -7.32 2.94 1.53
CA SER A 4 -6.97 2.86 2.93
C SER A 4 -5.56 2.32 3.11
N CYS A 5 -4.60 2.97 2.47
CA CYS A 5 -3.24 2.55 2.54
C CYS A 5 -2.39 3.55 3.33
N GLY A 6 -1.42 4.14 2.68
CA GLY A 6 -0.55 5.12 3.32
C GLY A 6 0.47 4.50 4.26
N GLU A 7 0.06 3.46 4.98
CA GLU A 7 0.90 2.75 5.95
C GLU A 7 2.19 2.18 5.34
N THR A 8 3.01 1.63 6.22
CA THR A 8 4.27 1.00 5.83
C THR A 8 3.99 -0.41 5.34
N CYS A 9 4.78 -0.87 4.37
CA CYS A 9 4.56 -2.21 3.84
C CYS A 9 5.85 -2.80 3.30
N PHE A 10 6.48 -3.64 4.10
CA PHE A 10 7.73 -4.28 3.72
C PHE A 10 7.49 -5.58 2.97
N LYS A 11 6.28 -5.76 2.42
CA LYS A 11 5.93 -6.96 1.68
C LYS A 11 4.99 -6.63 0.51
N PHE A 12 3.74 -7.06 0.64
CA PHE A 12 2.72 -6.82 -0.38
C PHE A 12 1.35 -6.77 0.29
N LYS A 13 1.15 -5.75 1.11
CA LYS A 13 -0.08 -5.58 1.87
C LYS A 13 -1.13 -4.79 1.09
N CYS A 14 -0.74 -3.66 0.55
CA CYS A 14 -1.68 -2.81 -0.17
C CYS A 14 -1.73 -3.17 -1.65
N TYR A 15 -2.95 -3.38 -2.14
CA TYR A 15 -3.18 -3.72 -3.53
C TYR A 15 -4.57 -3.27 -3.98
N THR A 16 -5.02 -2.17 -3.40
CA THR A 16 -6.32 -1.59 -3.73
C THR A 16 -6.12 -0.54 -4.83
N PRO A 17 -7.02 -0.46 -5.83
CA PRO A 17 -6.93 0.49 -6.93
C PRO A 17 -6.46 1.88 -6.50
N ARG A 18 -5.46 2.40 -7.22
CA ARG A 18 -4.86 3.71 -6.95
C ARG A 18 -3.98 3.64 -5.68
N CYS A 19 -3.55 2.44 -5.36
CA CYS A 19 -2.68 2.20 -4.22
C CYS A 19 -1.83 0.96 -4.46
N SER A 20 -0.58 1.02 -4.02
CA SER A 20 0.33 -0.10 -4.19
C SER A 20 1.36 -0.18 -3.08
N CYS A 21 1.61 -1.39 -2.63
CA CYS A 21 2.59 -1.62 -1.60
C CYS A 21 3.97 -1.63 -2.23
N SER A 22 4.60 -0.48 -2.25
CA SER A 22 5.92 -0.33 -2.81
C SER A 22 6.88 -0.42 -1.66
N TYR A 23 7.32 -1.64 -1.37
CA TYR A 23 8.20 -1.89 -0.24
C TYR A 23 9.28 -0.82 -0.13
N PRO A 24 9.44 -0.27 1.07
CA PRO A 24 8.67 -0.68 2.23
C PRO A 24 7.54 0.29 2.63
N VAL A 25 6.78 0.85 1.67
CA VAL A 25 5.70 1.78 2.03
C VAL A 25 4.55 1.73 1.03
N CYS A 26 3.34 1.82 1.55
CA CYS A 26 2.15 1.82 0.71
C CYS A 26 1.89 3.23 0.21
N LYS A 27 1.74 3.39 -1.09
CA LYS A 27 1.49 4.67 -1.70
C LYS A 27 0.62 4.50 -2.93
N SER A 1 -11.36 -4.42 1.06
CA SER A 1 -12.24 -3.77 0.08
C SER A 1 -12.29 -2.26 0.30
N ALA A 2 -11.12 -1.64 0.37
CA ALA A 2 -11.01 -0.20 0.58
C ALA A 2 -9.59 0.26 0.33
N ILE A 3 -9.43 1.44 -0.26
CA ILE A 3 -8.11 1.99 -0.58
C ILE A 3 -7.44 2.54 0.69
N SER A 4 -7.50 1.77 1.76
CA SER A 4 -6.90 2.18 3.02
C SER A 4 -5.41 1.87 3.00
N CYS A 5 -4.59 2.91 3.00
CA CYS A 5 -3.17 2.75 2.98
C CYS A 5 -2.53 3.76 3.91
N GLY A 6 -1.67 4.61 3.37
CA GLY A 6 -0.99 5.62 4.17
C GLY A 6 -0.21 4.99 5.31
N GLU A 7 0.45 3.89 5.01
CA GLU A 7 1.22 3.15 6.01
C GLU A 7 2.42 2.48 5.38
N THR A 8 3.18 1.77 6.20
CA THR A 8 4.34 1.05 5.75
C THR A 8 3.94 -0.34 5.28
N CYS A 9 4.67 -0.89 4.32
CA CYS A 9 4.33 -2.20 3.80
C CYS A 9 5.57 -2.92 3.30
N PHE A 10 6.12 -3.78 4.15
CA PHE A 10 7.31 -4.54 3.83
C PHE A 10 6.95 -5.85 3.10
N LYS A 11 6.05 -5.77 2.11
CA LYS A 11 5.65 -6.96 1.37
C LYS A 11 4.73 -6.58 0.21
N PHE A 12 3.47 -6.99 0.28
CA PHE A 12 2.47 -6.69 -0.75
C PHE A 12 1.07 -6.63 -0.13
N LYS A 13 0.91 -5.74 0.83
CA LYS A 13 -0.36 -5.59 1.54
C LYS A 13 -1.30 -4.63 0.82
N CYS A 14 -0.78 -3.52 0.36
CA CYS A 14 -1.61 -2.52 -0.30
C CYS A 14 -1.71 -2.81 -1.79
N TYR A 15 -2.59 -3.75 -2.12
CA TYR A 15 -2.81 -4.15 -3.50
C TYR A 15 -4.11 -3.54 -4.02
N THR A 16 -4.79 -2.78 -3.16
CA THR A 16 -6.04 -2.14 -3.52
C THR A 16 -5.82 -1.04 -4.55
N PRO A 17 -6.64 -1.00 -5.62
CA PRO A 17 -6.52 -0.01 -6.69
C PRO A 17 -6.32 1.41 -6.17
N ARG A 18 -5.46 2.16 -6.88
CA ARG A 18 -5.12 3.55 -6.53
C ARG A 18 -4.14 3.58 -5.35
N CYS A 19 -3.60 2.42 -5.03
CA CYS A 19 -2.62 2.30 -3.96
C CYS A 19 -1.70 1.12 -4.27
N SER A 20 -0.43 1.29 -4.00
CA SER A 20 0.54 0.25 -4.26
C SER A 20 1.50 0.07 -3.10
N CYS A 21 1.69 -1.18 -2.72
CA CYS A 21 2.62 -1.51 -1.65
C CYS A 21 4.02 -1.59 -2.22
N SER A 22 4.68 -0.44 -2.27
CA SER A 22 6.02 -0.36 -2.76
C SER A 22 6.93 -0.48 -1.57
N TYR A 23 7.27 -1.73 -1.24
CA TYR A 23 8.09 -2.03 -0.08
C TYR A 23 9.22 -1.02 0.08
N PRO A 24 9.32 -0.44 1.28
CA PRO A 24 8.45 -0.78 2.38
C PRO A 24 7.37 0.30 2.70
N VAL A 25 6.72 0.89 1.68
CA VAL A 25 5.70 1.92 1.95
C VAL A 25 4.55 1.84 0.95
N CYS A 26 3.34 2.12 1.44
CA CYS A 26 2.16 2.13 0.61
C CYS A 26 1.90 3.53 0.08
N LYS A 27 1.79 3.66 -1.24
CA LYS A 27 1.53 4.95 -1.86
C LYS A 27 0.76 4.79 -3.14
N SER A 1 -13.58 -4.31 2.23
CA SER A 1 -13.21 -2.88 2.20
C SER A 1 -11.95 -2.70 1.37
N ALA A 2 -11.73 -1.49 0.87
CA ALA A 2 -10.55 -1.20 0.05
C ALA A 2 -9.29 -1.25 0.90
N ILE A 3 -8.28 -1.95 0.41
CA ILE A 3 -7.02 -2.07 1.12
C ILE A 3 -6.15 -0.83 0.92
N SER A 4 -6.63 0.27 1.49
CA SER A 4 -5.98 1.55 1.43
C SER A 4 -4.57 1.48 2.04
N CYS A 5 -3.70 2.38 1.61
CA CYS A 5 -2.34 2.40 2.08
C CYS A 5 -2.19 3.29 3.31
N GLY A 6 -1.39 4.33 3.17
CA GLY A 6 -1.16 5.27 4.25
C GLY A 6 -0.40 4.65 5.42
N GLU A 7 0.54 3.76 5.12
CA GLU A 7 1.34 3.10 6.16
C GLU A 7 2.56 2.43 5.54
N THR A 8 3.43 1.91 6.39
CA THR A 8 4.62 1.21 5.94
C THR A 8 4.25 -0.20 5.48
N CYS A 9 4.96 -0.73 4.50
CA CYS A 9 4.64 -2.05 3.99
C CYS A 9 5.88 -2.74 3.45
N PHE A 10 6.54 -3.50 4.32
CA PHE A 10 7.75 -4.23 3.95
C PHE A 10 7.42 -5.56 3.29
N LYS A 11 6.30 -5.61 2.57
CA LYS A 11 5.85 -6.82 1.88
C LYS A 11 4.98 -6.45 0.69
N PHE A 12 3.73 -6.93 0.69
CA PHE A 12 2.78 -6.66 -0.39
C PHE A 12 1.35 -6.66 0.16
N LYS A 13 1.02 -5.69 1.01
CA LYS A 13 -0.32 -5.63 1.59
C LYS A 13 -1.31 -4.85 0.74
N CYS A 14 -0.91 -3.66 0.33
CA CYS A 14 -1.80 -2.81 -0.44
C CYS A 14 -1.71 -3.09 -1.93
N TYR A 15 -2.87 -3.32 -2.54
CA TYR A 15 -2.97 -3.59 -3.96
C TYR A 15 -4.35 -3.23 -4.48
N THR A 16 -5.04 -2.36 -3.74
CA THR A 16 -6.35 -1.90 -4.14
C THR A 16 -6.19 -0.71 -5.10
N PRO A 17 -6.93 -0.70 -6.22
CA PRO A 17 -6.85 0.35 -7.24
C PRO A 17 -6.54 1.74 -6.69
N ARG A 18 -5.50 2.36 -7.28
CA ARG A 18 -5.02 3.69 -6.91
C ARG A 18 -4.20 3.64 -5.61
N CYS A 19 -3.76 2.44 -5.25
CA CYS A 19 -2.96 2.23 -4.05
C CYS A 19 -2.07 1.00 -4.24
N SER A 20 -0.81 1.10 -3.83
CA SER A 20 0.11 -0.02 -3.98
C SER A 20 1.19 -0.08 -2.92
N CYS A 21 1.49 -1.30 -2.51
CA CYS A 21 2.52 -1.52 -1.52
C CYS A 21 3.88 -1.58 -2.19
N SER A 22 4.52 -0.42 -2.26
CA SER A 22 5.82 -0.31 -2.85
C SER A 22 6.83 -0.44 -1.74
N TYR A 23 7.18 -1.69 -1.43
CA TYR A 23 8.09 -1.99 -0.34
C TYR A 23 9.25 -0.99 -0.27
N PRO A 24 9.50 -0.47 0.93
CA PRO A 24 8.77 -0.85 2.12
C PRO A 24 7.69 0.15 2.55
N VAL A 25 6.89 0.70 1.61
CA VAL A 25 5.85 1.65 2.00
C VAL A 25 4.62 1.52 1.09
N CYS A 26 3.46 1.66 1.68
CA CYS A 26 2.22 1.60 0.95
C CYS A 26 1.86 3.00 0.45
N LYS A 27 1.71 3.14 -0.87
CA LYS A 27 1.38 4.41 -1.46
C LYS A 27 0.23 4.26 -2.43
N SER A 1 -14.68 2.80 -1.37
CA SER A 1 -13.28 2.33 -1.44
C SER A 1 -12.45 3.31 -2.25
N ALA A 2 -11.19 3.48 -1.87
CA ALA A 2 -10.29 4.39 -2.56
C ALA A 2 -8.86 4.16 -2.08
N ILE A 3 -8.08 5.24 -2.00
CA ILE A 3 -6.69 5.15 -1.55
C ILE A 3 -6.64 5.04 -0.02
N SER A 4 -7.35 4.06 0.51
CA SER A 4 -7.41 3.82 1.94
C SER A 4 -6.14 3.13 2.43
N CYS A 5 -5.01 3.76 2.21
CA CYS A 5 -3.73 3.21 2.59
C CYS A 5 -2.96 4.23 3.43
N GLY A 6 -1.84 4.72 2.89
CA GLY A 6 -1.04 5.69 3.61
C GLY A 6 -0.32 5.08 4.80
N GLU A 7 0.21 3.88 4.61
CA GLU A 7 0.92 3.18 5.67
C GLU A 7 2.16 2.48 5.11
N THR A 8 2.92 1.86 5.99
CA THR A 8 4.12 1.14 5.61
C THR A 8 3.83 -0.34 5.40
N CYS A 9 4.51 -0.96 4.46
CA CYS A 9 4.31 -2.37 4.19
C CYS A 9 5.59 -3.00 3.66
N PHE A 10 6.29 -3.69 4.54
CA PHE A 10 7.56 -4.34 4.20
C PHE A 10 7.32 -5.64 3.44
N LYS A 11 6.51 -5.58 2.39
CA LYS A 11 6.18 -6.74 1.56
C LYS A 11 5.24 -6.33 0.43
N PHE A 12 4.13 -7.04 0.29
CA PHE A 12 3.12 -6.77 -0.73
C PHE A 12 1.74 -6.83 -0.08
N LYS A 13 1.47 -5.89 0.81
CA LYS A 13 0.20 -5.86 1.53
C LYS A 13 -0.87 -5.05 0.80
N CYS A 14 -0.51 -3.86 0.38
CA CYS A 14 -1.45 -2.98 -0.29
C CYS A 14 -1.50 -3.21 -1.80
N TYR A 15 -2.72 -3.28 -2.31
CA TYR A 15 -2.96 -3.47 -3.73
C TYR A 15 -4.37 -3.00 -4.05
N THR A 16 -4.79 -1.99 -3.30
CA THR A 16 -6.10 -1.38 -3.43
C THR A 16 -6.11 -0.36 -4.57
N PRO A 17 -7.30 0.15 -4.98
CA PRO A 17 -7.39 1.12 -6.06
C PRO A 17 -6.51 2.35 -5.82
N ARG A 18 -5.55 2.54 -6.72
CA ARG A 18 -4.59 3.64 -6.63
C ARG A 18 -3.76 3.52 -5.35
N CYS A 19 -3.36 2.30 -5.05
CA CYS A 19 -2.54 2.03 -3.88
C CYS A 19 -1.68 0.80 -4.12
N SER A 20 -0.39 1.01 -4.23
CA SER A 20 0.53 -0.10 -4.46
C SER A 20 1.50 -0.24 -3.30
N CYS A 21 1.69 -1.47 -2.87
CA CYS A 21 2.60 -1.72 -1.77
C CYS A 21 4.04 -1.76 -2.27
N SER A 22 4.63 -0.58 -2.38
CA SER A 22 5.99 -0.46 -2.82
C SER A 22 6.85 -0.53 -1.58
N TYR A 23 7.18 -1.76 -1.18
CA TYR A 23 7.94 -2.00 0.04
C TYR A 23 9.06 -0.98 0.20
N PRO A 24 9.10 -0.38 1.39
CA PRO A 24 8.19 -0.69 2.47
C PRO A 24 7.08 0.37 2.69
N VAL A 25 6.41 0.84 1.62
CA VAL A 25 5.36 1.85 1.81
C VAL A 25 4.20 1.63 0.83
N CYS A 26 2.98 1.84 1.31
CA CYS A 26 1.79 1.71 0.50
C CYS A 26 1.49 3.02 -0.23
N LYS A 27 1.69 3.03 -1.53
CA LYS A 27 1.44 4.21 -2.34
C LYS A 27 0.91 3.81 -3.72
N SER A 1 -10.63 6.55 5.02
CA SER A 1 -11.57 5.43 5.27
C SER A 1 -12.01 4.77 3.96
N ALA A 2 -11.05 4.25 3.21
CA ALA A 2 -11.34 3.59 1.94
C ALA A 2 -10.12 2.83 1.44
N ILE A 3 -9.08 3.57 1.08
CA ILE A 3 -7.85 2.97 0.60
C ILE A 3 -7.14 2.25 1.75
N SER A 4 -6.90 0.95 1.58
CA SER A 4 -6.26 0.14 2.59
C SER A 4 -4.74 0.30 2.58
N CYS A 5 -4.28 1.54 2.66
CA CYS A 5 -2.88 1.83 2.67
C CYS A 5 -2.56 2.79 3.81
N GLY A 6 -1.99 3.94 3.45
CA GLY A 6 -1.66 4.95 4.43
C GLY A 6 -0.68 4.48 5.50
N GLU A 7 0.23 3.59 5.12
CA GLU A 7 1.23 3.07 6.05
C GLU A 7 2.34 2.35 5.30
N THR A 8 3.23 1.74 6.06
CA THR A 8 4.34 0.99 5.49
C THR A 8 3.91 -0.42 5.14
N CYS A 9 4.74 -1.14 4.40
CA CYS A 9 4.40 -2.49 4.03
C CYS A 9 5.65 -3.34 3.80
N PHE A 10 6.00 -4.12 4.81
CA PHE A 10 7.14 -5.04 4.73
C PHE A 10 6.68 -6.32 4.04
N LYS A 11 5.80 -6.11 3.07
CA LYS A 11 5.17 -7.13 2.26
C LYS A 11 4.25 -6.39 1.32
N PHE A 12 3.89 -6.98 0.18
CA PHE A 12 3.03 -6.28 -0.77
C PHE A 12 1.57 -6.41 -0.38
N LYS A 13 1.27 -5.86 0.80
CA LYS A 13 -0.07 -5.90 1.35
C LYS A 13 -0.84 -4.60 1.10
N CYS A 14 -0.63 -4.01 -0.06
CA CYS A 14 -1.33 -2.77 -0.40
C CYS A 14 -1.64 -2.72 -1.89
N TYR A 15 -2.37 -3.71 -2.35
CA TYR A 15 -2.78 -3.79 -3.74
C TYR A 15 -4.19 -3.24 -3.92
N THR A 16 -4.50 -2.23 -3.11
CA THR A 16 -5.80 -1.58 -3.13
C THR A 16 -5.89 -0.69 -4.36
N PRO A 17 -7.06 -0.64 -5.04
CA PRO A 17 -7.24 0.18 -6.23
C PRO A 17 -6.73 1.62 -6.05
N ARG A 18 -5.85 2.02 -6.97
CA ARG A 18 -5.25 3.35 -6.98
C ARG A 18 -4.22 3.50 -5.84
N CYS A 19 -3.63 2.38 -5.43
CA CYS A 19 -2.61 2.36 -4.40
C CYS A 19 -1.68 1.17 -4.63
N SER A 20 -0.42 1.30 -4.27
CA SER A 20 0.53 0.23 -4.44
C SER A 20 1.54 0.16 -3.33
N CYS A 21 1.85 -1.05 -2.92
CA CYS A 21 2.83 -1.26 -1.89
C CYS A 21 4.22 -1.20 -2.48
N SER A 22 4.80 -0.01 -2.43
CA SER A 22 6.13 0.22 -2.93
C SER A 22 7.09 -0.07 -1.80
N TYR A 23 7.34 -1.37 -1.61
CA TYR A 23 8.21 -1.88 -0.55
C TYR A 23 9.30 -0.89 -0.16
N PRO A 24 9.31 -0.48 1.12
CA PRO A 24 8.36 -0.93 2.12
C PRO A 24 7.29 0.11 2.50
N VAL A 25 6.69 0.81 1.53
CA VAL A 25 5.67 1.81 1.85
C VAL A 25 4.52 1.79 0.85
N CYS A 26 3.31 1.91 1.36
CA CYS A 26 2.12 1.91 0.53
C CYS A 26 1.83 3.32 0.05
N LYS A 27 1.63 3.48 -1.25
CA LYS A 27 1.34 4.78 -1.82
C LYS A 27 0.48 4.63 -3.07
N SER A 1 -10.60 3.64 -6.81
CA SER A 1 -9.18 3.88 -6.47
C SER A 1 -9.05 4.55 -5.11
N ALA A 2 -9.67 3.96 -4.10
CA ALA A 2 -9.63 4.52 -2.75
C ALA A 2 -8.23 4.36 -2.16
N ILE A 3 -7.68 5.47 -1.69
CA ILE A 3 -6.35 5.48 -1.10
C ILE A 3 -6.39 4.98 0.34
N SER A 4 -6.89 3.77 0.55
CA SER A 4 -6.97 3.18 1.87
C SER A 4 -5.62 2.64 2.32
N CYS A 5 -4.58 3.42 2.07
CA CYS A 5 -3.23 3.05 2.44
C CYS A 5 -2.63 4.09 3.38
N GLY A 6 -1.64 4.83 2.91
CA GLY A 6 -1.00 5.84 3.73
C GLY A 6 -0.24 5.23 4.89
N GLU A 7 0.43 4.12 4.64
CA GLU A 7 1.20 3.44 5.66
C GLU A 7 2.35 2.65 5.05
N THR A 8 3.23 2.16 5.91
CA THR A 8 4.38 1.38 5.49
C THR A 8 3.99 -0.08 5.27
N CYS A 9 4.68 -0.73 4.35
CA CYS A 9 4.39 -2.12 4.04
C CYS A 9 5.64 -2.83 3.54
N PHE A 10 6.30 -3.53 4.44
CA PHE A 10 7.52 -4.26 4.12
C PHE A 10 7.21 -5.64 3.52
N LYS A 11 6.44 -5.64 2.43
CA LYS A 11 6.06 -6.89 1.76
C LYS A 11 5.13 -6.59 0.58
N PHE A 12 3.91 -7.12 0.63
CA PHE A 12 2.93 -6.92 -0.42
C PHE A 12 1.52 -7.03 0.16
N LYS A 13 1.17 -6.09 1.03
CA LYS A 13 -0.14 -6.11 1.67
C LYS A 13 -1.18 -5.35 0.86
N CYS A 14 -0.83 -4.15 0.44
CA CYS A 14 -1.74 -3.32 -0.32
C CYS A 14 -1.61 -3.58 -1.82
N TYR A 15 -2.73 -3.64 -2.51
CA TYR A 15 -2.73 -3.87 -3.95
C TYR A 15 -4.00 -3.26 -4.57
N THR A 16 -4.52 -2.27 -3.88
CA THR A 16 -5.70 -1.54 -4.32
C THR A 16 -5.25 -0.38 -5.22
N PRO A 17 -6.04 0.03 -6.23
CA PRO A 17 -5.65 1.13 -7.11
C PRO A 17 -5.37 2.40 -6.30
N ARG A 18 -4.11 2.88 -6.38
CA ARG A 18 -3.62 4.05 -5.65
C ARG A 18 -3.48 3.70 -4.16
N CYS A 19 -3.29 2.42 -3.92
CA CYS A 19 -3.11 1.87 -2.60
C CYS A 19 -2.27 0.59 -2.75
N SER A 20 -1.12 0.74 -3.39
CA SER A 20 -0.24 -0.37 -3.67
C SER A 20 0.92 -0.44 -2.70
N CYS A 21 1.25 -1.64 -2.26
CA CYS A 21 2.36 -1.85 -1.34
C CYS A 21 3.66 -1.75 -2.12
N SER A 22 4.14 -0.53 -2.29
CA SER A 22 5.36 -0.27 -2.98
C SER A 22 6.50 -0.32 -1.99
N TYR A 23 6.89 -1.56 -1.66
CA TYR A 23 7.93 -1.86 -0.68
C TYR A 23 8.95 -0.72 -0.55
N PRO A 24 9.06 -0.15 0.64
CA PRO A 24 8.29 -0.54 1.82
C PRO A 24 7.14 0.43 2.18
N VAL A 25 6.41 0.97 1.20
CA VAL A 25 5.31 1.89 1.53
C VAL A 25 4.11 1.70 0.61
N CYS A 26 2.92 1.77 1.18
CA CYS A 26 1.71 1.63 0.42
C CYS A 26 1.26 3.00 -0.11
N LYS A 27 1.29 3.15 -1.44
CA LYS A 27 0.91 4.42 -2.07
C LYS A 27 0.38 4.17 -3.48
N SER A 1 -12.92 0.97 -2.26
CA SER A 1 -12.04 1.87 -1.50
C SER A 1 -10.97 2.46 -2.41
N ALA A 2 -10.62 3.71 -2.19
CA ALA A 2 -9.60 4.38 -2.99
C ALA A 2 -8.21 4.11 -2.41
N ILE A 3 -7.39 5.15 -2.31
CA ILE A 3 -6.05 5.03 -1.77
C ILE A 3 -6.09 4.86 -0.25
N SER A 4 -6.79 3.83 0.20
CA SER A 4 -6.94 3.52 1.60
C SER A 4 -5.67 2.88 2.17
N CYS A 5 -4.55 3.57 2.00
CA CYS A 5 -3.27 3.09 2.47
C CYS A 5 -2.62 4.14 3.37
N GLY A 6 -1.52 4.71 2.90
CA GLY A 6 -0.83 5.74 3.66
C GLY A 6 -0.05 5.19 4.84
N GLU A 7 0.62 4.06 4.64
CA GLU A 7 1.42 3.45 5.70
C GLU A 7 2.49 2.56 5.10
N THR A 8 3.27 1.92 5.96
CA THR A 8 4.34 1.04 5.55
C THR A 8 3.83 -0.36 5.18
N CYS A 9 4.57 -1.08 4.36
CA CYS A 9 4.20 -2.42 3.98
C CYS A 9 5.42 -3.30 3.81
N PHE A 10 5.67 -4.11 4.82
CA PHE A 10 6.79 -5.04 4.81
C PHE A 10 6.54 -6.16 3.81
N LYS A 11 5.29 -6.22 3.35
CA LYS A 11 4.85 -7.20 2.37
C LYS A 11 4.03 -6.45 1.32
N PHE A 12 3.95 -6.99 0.11
CA PHE A 12 3.22 -6.34 -0.97
C PHE A 12 1.74 -6.64 -0.88
N LYS A 13 1.14 -6.25 0.22
CA LYS A 13 -0.27 -6.48 0.43
C LYS A 13 -1.09 -5.20 0.23
N CYS A 14 -0.41 -4.09 -0.02
CA CYS A 14 -1.11 -2.83 -0.26
C CYS A 14 -1.45 -2.70 -1.74
N TYR A 15 -2.22 -3.67 -2.22
CA TYR A 15 -2.64 -3.70 -3.61
C TYR A 15 -4.05 -3.14 -3.73
N THR A 16 -4.34 -2.18 -2.87
CA THR A 16 -5.62 -1.50 -2.83
C THR A 16 -5.82 -0.67 -4.10
N PRO A 17 -7.04 -0.60 -4.65
CA PRO A 17 -7.30 0.18 -5.86
C PRO A 17 -6.73 1.60 -5.77
N ARG A 18 -5.87 1.93 -6.73
CA ARG A 18 -5.21 3.24 -6.80
C ARG A 18 -4.17 3.39 -5.68
N CYS A 19 -3.58 2.26 -5.31
CA CYS A 19 -2.55 2.22 -4.27
C CYS A 19 -1.60 1.05 -4.54
N SER A 20 -0.33 1.25 -4.26
CA SER A 20 0.66 0.22 -4.50
C SER A 20 1.64 0.11 -3.35
N CYS A 21 1.97 -1.12 -3.00
CA CYS A 21 2.92 -1.35 -1.93
C CYS A 21 4.33 -1.21 -2.49
N SER A 22 4.85 0.00 -2.39
CA SER A 22 6.17 0.31 -2.84
C SER A 22 7.13 0.02 -1.70
N TYR A 23 7.39 -1.27 -1.51
CA TYR A 23 8.25 -1.78 -0.43
C TYR A 23 9.31 -0.79 0.00
N PRO A 24 9.26 -0.37 1.28
CA PRO A 24 8.28 -0.82 2.24
C PRO A 24 7.19 0.21 2.57
N VAL A 25 6.62 0.90 1.57
CA VAL A 25 5.58 1.89 1.86
C VAL A 25 4.45 1.84 0.84
N CYS A 26 3.23 1.94 1.34
CA CYS A 26 2.05 1.92 0.50
C CYS A 26 1.73 3.32 0.00
N LYS A 27 1.62 3.49 -1.30
CA LYS A 27 1.32 4.78 -1.89
C LYS A 27 0.56 4.59 -3.19
N SER A 1 -3.71 5.98 -3.13
CA SER A 1 -4.98 6.75 -3.02
C SER A 1 -5.94 6.11 -2.03
N ALA A 2 -6.04 4.78 -2.07
CA ALA A 2 -6.92 4.05 -1.16
C ALA A 2 -6.49 4.21 0.29
N ILE A 3 -7.37 3.83 1.21
CA ILE A 3 -7.10 3.93 2.64
C ILE A 3 -5.79 3.23 3.03
N SER A 4 -5.60 2.03 2.50
CA SER A 4 -4.40 1.24 2.77
C SER A 4 -3.17 1.80 2.04
N CYS A 5 -2.98 3.10 2.14
CA CYS A 5 -1.86 3.78 1.50
C CYS A 5 -1.02 4.53 2.52
N GLY A 6 -1.68 5.09 3.52
CA GLY A 6 -0.99 5.83 4.56
C GLY A 6 -0.38 4.90 5.59
N GLU A 7 0.32 3.88 5.12
CA GLU A 7 0.96 2.91 5.98
C GLU A 7 2.18 2.32 5.30
N THR A 8 2.99 1.63 6.08
CA THR A 8 4.18 0.97 5.57
C THR A 8 3.84 -0.47 5.23
N CYS A 9 4.70 -1.14 4.49
CA CYS A 9 4.43 -2.51 4.11
C CYS A 9 5.72 -3.30 3.91
N PHE A 10 6.02 -4.14 4.89
CA PHE A 10 7.19 -4.99 4.85
C PHE A 10 6.97 -6.07 3.79
N LYS A 11 5.70 -6.27 3.45
CA LYS A 11 5.28 -7.22 2.44
C LYS A 11 4.38 -6.48 1.45
N PHE A 12 4.13 -7.08 0.29
CA PHE A 12 3.30 -6.44 -0.73
C PHE A 12 1.84 -6.67 -0.43
N LYS A 13 1.40 -6.08 0.68
CA LYS A 13 0.03 -6.21 1.15
C LYS A 13 -0.88 -5.14 0.55
N CYS A 14 -0.33 -4.00 0.18
CA CYS A 14 -1.14 -2.95 -0.40
C CYS A 14 -1.26 -3.11 -1.90
N TYR A 15 -2.50 -3.19 -2.35
CA TYR A 15 -2.82 -3.34 -3.77
C TYR A 15 -4.27 -2.96 -4.00
N THR A 16 -4.70 -1.95 -3.24
CA THR A 16 -6.04 -1.42 -3.32
C THR A 16 -6.15 -0.39 -4.46
N PRO A 17 -7.35 0.15 -4.74
CA PRO A 17 -7.53 1.13 -5.83
C PRO A 17 -6.50 2.25 -5.79
N ARG A 18 -5.69 2.31 -6.85
CA ARG A 18 -4.62 3.27 -6.98
C ARG A 18 -3.76 3.29 -5.73
N CYS A 19 -3.42 2.11 -5.26
CA CYS A 19 -2.60 1.97 -4.07
C CYS A 19 -1.78 0.69 -4.18
N SER A 20 -0.48 0.84 -4.16
CA SER A 20 0.40 -0.30 -4.27
C SER A 20 1.50 -0.25 -3.26
N CYS A 21 1.84 -1.42 -2.74
CA CYS A 21 2.89 -1.53 -1.76
C CYS A 21 4.25 -1.34 -2.40
N SER A 22 4.72 -0.11 -2.38
CA SER A 22 6.00 0.24 -2.93
C SER A 22 7.03 0.04 -1.83
N TYR A 23 7.32 -1.24 -1.58
CA TYR A 23 8.24 -1.68 -0.51
C TYR A 23 9.28 -0.62 -0.15
N PRO A 24 9.25 -0.18 1.11
CA PRO A 24 8.33 -0.65 2.12
C PRO A 24 7.20 0.34 2.46
N VAL A 25 6.61 1.02 1.46
CA VAL A 25 5.53 1.96 1.75
C VAL A 25 4.46 1.93 0.66
N CYS A 26 3.21 1.90 1.10
CA CYS A 26 2.07 1.87 0.20
C CYS A 26 1.83 3.26 -0.43
N LYS A 27 1.45 3.29 -1.70
CA LYS A 27 1.22 4.57 -2.38
C LYS A 27 0.19 4.42 -3.51
N SER A 1 -12.32 5.18 -5.56
CA SER A 1 -11.38 4.17 -5.05
C SER A 1 -11.04 4.45 -3.59
N ALA A 2 -11.00 3.42 -2.76
CA ALA A 2 -10.69 3.58 -1.35
C ALA A 2 -9.18 3.63 -1.13
N ILE A 3 -8.70 4.75 -0.62
CA ILE A 3 -7.29 4.93 -0.35
C ILE A 3 -6.96 4.44 1.07
N SER A 4 -7.39 3.23 1.37
CA SER A 4 -7.17 2.63 2.67
C SER A 4 -5.75 2.08 2.78
N CYS A 5 -4.78 2.91 2.46
CA CYS A 5 -3.41 2.54 2.50
C CYS A 5 -2.58 3.66 3.11
N GLY A 6 -1.62 4.18 2.36
CA GLY A 6 -0.78 5.27 2.84
C GLY A 6 0.26 4.85 3.88
N GLU A 7 0.01 3.73 4.55
CA GLU A 7 0.89 3.20 5.59
C GLU A 7 2.19 2.63 5.02
N THR A 8 2.88 1.90 5.86
CA THR A 8 4.11 1.23 5.49
C THR A 8 3.79 -0.21 5.18
N CYS A 9 4.65 -0.92 4.45
CA CYS A 9 4.36 -2.29 4.12
C CYS A 9 5.61 -3.12 3.95
N PHE A 10 5.93 -3.89 4.98
CA PHE A 10 7.09 -4.77 4.96
C PHE A 10 6.71 -6.07 4.25
N LYS A 11 5.80 -5.93 3.31
CA LYS A 11 5.28 -7.00 2.48
C LYS A 11 4.39 -6.33 1.45
N PHE A 12 4.00 -7.02 0.40
CA PHE A 12 3.17 -6.41 -0.64
C PHE A 12 1.70 -6.46 -0.24
N LYS A 13 1.41 -5.80 0.88
CA LYS A 13 0.06 -5.74 1.40
C LYS A 13 -0.68 -4.51 0.90
N CYS A 14 -0.50 -4.19 -0.37
CA CYS A 14 -1.18 -3.05 -0.98
C CYS A 14 -1.38 -3.32 -2.46
N TYR A 15 -2.64 -3.46 -2.82
CA TYR A 15 -3.03 -3.72 -4.19
C TYR A 15 -4.47 -3.27 -4.39
N THR A 16 -4.86 -2.32 -3.56
CA THR A 16 -6.18 -1.73 -3.59
C THR A 16 -6.25 -0.69 -4.70
N PRO A 17 -7.45 -0.37 -5.23
CA PRO A 17 -7.56 0.63 -6.31
C PRO A 17 -6.90 1.95 -5.91
N ARG A 18 -5.88 2.33 -6.68
CA ARG A 18 -5.09 3.53 -6.43
C ARG A 18 -4.27 3.34 -5.16
N CYS A 19 -3.67 2.16 -5.03
CA CYS A 19 -2.86 1.83 -3.87
C CYS A 19 -1.79 0.82 -4.27
N SER A 20 -0.55 1.10 -3.94
CA SER A 20 0.54 0.20 -4.27
C SER A 20 1.58 0.15 -3.19
N CYS A 21 2.00 -1.08 -2.89
CA CYS A 21 3.01 -1.28 -1.89
C CYS A 21 4.38 -1.28 -2.54
N SER A 22 5.02 -0.13 -2.51
CA SER A 22 6.33 0.05 -3.04
C SER A 22 7.32 -0.29 -1.94
N TYR A 23 7.41 -1.59 -1.67
CA TYR A 23 8.24 -2.17 -0.61
C TYR A 23 9.42 -1.30 -0.23
N PRO A 24 9.46 -0.83 1.04
CA PRO A 24 8.46 -1.14 2.04
C PRO A 24 7.50 0.03 2.34
N VAL A 25 7.04 0.77 1.32
CA VAL A 25 6.15 1.89 1.56
C VAL A 25 4.88 1.77 0.73
N CYS A 26 3.75 1.98 1.37
CA CYS A 26 2.47 1.91 0.68
C CYS A 26 1.98 3.31 0.35
N LYS A 27 1.58 3.52 -0.90
CA LYS A 27 1.11 4.82 -1.35
C LYS A 27 0.09 4.65 -2.47
N SER A 1 -4.65 -0.35 7.24
CA SER A 1 -5.81 0.56 7.30
C SER A 1 -6.72 0.33 6.11
N ALA A 2 -7.86 1.04 6.06
CA ALA A 2 -8.80 0.89 4.95
C ALA A 2 -8.12 1.31 3.66
N ILE A 3 -7.64 2.53 3.63
CA ILE A 3 -6.92 3.04 2.48
C ILE A 3 -5.47 2.60 2.61
N SER A 4 -5.10 1.57 1.87
CA SER A 4 -3.76 1.00 1.92
C SER A 4 -2.71 1.93 1.30
N CYS A 5 -2.62 3.13 1.84
CA CYS A 5 -1.67 4.13 1.36
C CYS A 5 -1.02 4.83 2.55
N GLY A 6 -1.84 5.16 3.53
CA GLY A 6 -1.34 5.83 4.73
C GLY A 6 -0.70 4.85 5.70
N GLU A 7 0.17 3.99 5.17
CA GLU A 7 0.85 2.99 5.98
C GLU A 7 2.01 2.37 5.21
N THR A 8 2.95 1.80 5.95
CA THR A 8 4.11 1.14 5.37
C THR A 8 3.78 -0.31 5.04
N CYS A 9 4.68 -0.99 4.36
CA CYS A 9 4.44 -2.38 4.01
C CYS A 9 5.74 -3.17 3.86
N PHE A 10 6.05 -3.96 4.88
CA PHE A 10 7.23 -4.80 4.85
C PHE A 10 7.00 -5.93 3.85
N LYS A 11 5.71 -6.19 3.62
CA LYS A 11 5.26 -7.18 2.67
C LYS A 11 4.36 -6.47 1.67
N PHE A 12 4.12 -7.07 0.52
CA PHE A 12 3.29 -6.43 -0.51
C PHE A 12 1.81 -6.66 -0.24
N LYS A 13 1.37 -6.17 0.92
CA LYS A 13 -0.01 -6.30 1.32
C LYS A 13 -0.86 -5.09 0.92
N CYS A 14 -0.45 -4.42 -0.14
CA CYS A 14 -1.17 -3.26 -0.64
C CYS A 14 -1.24 -3.32 -2.15
N TYR A 15 -2.46 -3.38 -2.66
CA TYR A 15 -2.71 -3.45 -4.08
C TYR A 15 -4.14 -3.05 -4.35
N THR A 16 -4.60 -2.13 -3.53
CA THR A 16 -5.94 -1.59 -3.60
C THR A 16 -5.99 -0.45 -4.62
N PRO A 17 -7.20 0.01 -5.01
CA PRO A 17 -7.32 1.09 -5.99
C PRO A 17 -6.50 2.32 -5.62
N ARG A 18 -5.56 2.68 -6.50
CA ARG A 18 -4.69 3.82 -6.33
C ARG A 18 -3.79 3.69 -5.10
N CYS A 19 -3.47 2.47 -4.69
CA CYS A 19 -2.62 2.22 -3.55
C CYS A 19 -1.85 0.91 -3.75
N SER A 20 -0.55 1.01 -4.00
CA SER A 20 0.26 -0.16 -4.23
C SER A 20 1.41 -0.24 -3.24
N CYS A 21 1.71 -1.44 -2.77
CA CYS A 21 2.80 -1.59 -1.82
C CYS A 21 4.14 -1.44 -2.51
N SER A 22 4.61 -0.20 -2.54
CA SER A 22 5.87 0.15 -3.12
C SER A 22 6.91 0.03 -2.01
N TYR A 23 7.25 -1.23 -1.72
CA TYR A 23 8.19 -1.61 -0.65
C TYR A 23 9.20 -0.51 -0.35
N PRO A 24 9.22 -0.05 0.91
CA PRO A 24 8.35 -0.53 1.97
C PRO A 24 7.20 0.42 2.32
N VAL A 25 6.55 1.04 1.33
CA VAL A 25 5.45 1.96 1.62
C VAL A 25 4.30 1.73 0.66
N CYS A 26 3.09 1.78 1.18
CA CYS A 26 1.91 1.58 0.39
C CYS A 26 1.51 2.88 -0.32
N LYS A 27 1.84 2.97 -1.60
CA LYS A 27 1.51 4.12 -2.40
C LYS A 27 1.45 3.68 -3.85
N SER A 1 -10.81 5.13 -3.71
CA SER A 1 -10.40 4.97 -2.30
C SER A 1 -8.89 5.12 -2.19
N ALA A 2 -8.41 5.52 -1.02
CA ALA A 2 -6.98 5.71 -0.80
C ALA A 2 -6.62 5.45 0.66
N ILE A 3 -7.29 4.46 1.25
CA ILE A 3 -7.05 4.12 2.64
C ILE A 3 -5.77 3.29 2.78
N SER A 4 -5.61 2.28 1.93
CA SER A 4 -4.44 1.42 1.94
C SER A 4 -3.23 2.11 1.32
N CYS A 5 -2.93 3.30 1.78
CA CYS A 5 -1.82 4.07 1.28
C CYS A 5 -0.99 4.63 2.44
N GLY A 6 -1.68 5.16 3.43
CA GLY A 6 -1.00 5.72 4.59
C GLY A 6 -0.44 4.65 5.53
N GLU A 7 0.19 3.64 4.95
CA GLU A 7 0.78 2.55 5.72
C GLU A 7 2.08 2.08 5.12
N THR A 8 2.88 1.51 5.99
CA THR A 8 4.17 0.95 5.60
C THR A 8 4.00 -0.55 5.40
N CYS A 9 4.74 -1.12 4.47
CA CYS A 9 4.64 -2.54 4.19
C CYS A 9 5.93 -3.09 3.63
N PHE A 10 6.69 -3.75 4.49
CA PHE A 10 7.95 -4.36 4.10
C PHE A 10 7.69 -5.69 3.39
N LYS A 11 6.76 -5.68 2.44
CA LYS A 11 6.39 -6.86 1.67
C LYS A 11 5.33 -6.49 0.63
N PHE A 12 4.10 -6.97 0.84
CA PHE A 12 3.00 -6.68 -0.08
C PHE A 12 1.67 -6.71 0.67
N LYS A 13 1.27 -5.56 1.20
CA LYS A 13 0.01 -5.48 1.94
C LYS A 13 -1.08 -4.84 1.10
N CYS A 14 -0.78 -3.68 0.57
CA CYS A 14 -1.72 -2.92 -0.22
C CYS A 14 -1.67 -3.31 -1.70
N TYR A 15 -2.83 -3.42 -2.30
CA TYR A 15 -2.97 -3.77 -3.70
C TYR A 15 -4.30 -3.25 -4.22
N THR A 16 -4.68 -2.12 -3.66
CA THR A 16 -5.92 -1.44 -3.99
C THR A 16 -5.63 -0.39 -5.07
N PRO A 17 -6.56 -0.13 -5.99
CA PRO A 17 -6.35 0.86 -7.05
C PRO A 17 -5.90 2.21 -6.48
N ARG A 18 -4.71 2.65 -6.92
CA ARG A 18 -4.10 3.91 -6.48
C ARG A 18 -3.59 3.80 -5.03
N CYS A 19 -3.42 2.58 -4.56
CA CYS A 19 -2.94 2.30 -3.21
C CYS A 19 -2.23 0.96 -3.21
N SER A 20 -1.04 0.90 -3.79
CA SER A 20 -0.29 -0.33 -3.89
C SER A 20 0.89 -0.35 -2.92
N CYS A 21 1.22 -1.53 -2.46
CA CYS A 21 2.31 -1.72 -1.55
C CYS A 21 3.63 -1.66 -2.28
N SER A 22 4.18 -0.48 -2.36
CA SER A 22 5.46 -0.27 -3.01
C SER A 22 6.49 -0.34 -1.90
N TYR A 23 6.85 -1.57 -1.55
CA TYR A 23 7.77 -1.85 -0.46
C TYR A 23 8.88 -0.80 -0.35
N PRO A 24 9.07 -0.29 0.85
CA PRO A 24 8.31 -0.71 2.02
C PRO A 24 7.19 0.27 2.41
N VAL A 25 6.46 0.85 1.44
CA VAL A 25 5.39 1.79 1.77
C VAL A 25 4.29 1.76 0.71
N CYS A 26 3.05 1.78 1.16
CA CYS A 26 1.92 1.80 0.28
C CYS A 26 1.77 3.18 -0.34
N LYS A 27 1.63 3.25 -1.67
CA LYS A 27 1.50 4.51 -2.35
C LYS A 27 0.74 4.35 -3.65
N SER A 1 -2.12 6.07 -4.43
CA SER A 1 -2.56 6.35 -3.05
C SER A 1 -4.06 6.13 -2.89
N ALA A 2 -4.44 5.38 -1.86
CA ALA A 2 -5.84 5.09 -1.58
C ALA A 2 -6.07 5.08 -0.08
N ILE A 3 -7.34 5.07 0.32
CA ILE A 3 -7.70 5.08 1.73
C ILE A 3 -7.14 3.85 2.46
N SER A 4 -7.26 2.69 1.84
CA SER A 4 -6.78 1.45 2.42
C SER A 4 -5.26 1.28 2.31
N CYS A 5 -4.52 2.36 2.54
CA CYS A 5 -3.10 2.33 2.47
C CYS A 5 -2.54 3.17 3.62
N GLY A 6 -1.75 4.18 3.29
CA GLY A 6 -1.17 5.07 4.29
C GLY A 6 -0.44 4.36 5.42
N GLU A 7 0.39 3.38 5.07
CA GLU A 7 1.14 2.63 6.05
C GLU A 7 2.40 2.05 5.44
N THR A 8 3.25 1.47 6.28
CA THR A 8 4.47 0.85 5.82
C THR A 8 4.22 -0.64 5.60
N CYS A 9 4.82 -1.19 4.56
CA CYS A 9 4.65 -2.58 4.24
C CYS A 9 5.86 -3.13 3.51
N PHE A 10 6.65 -3.90 4.22
CA PHE A 10 7.86 -4.49 3.68
C PHE A 10 7.54 -5.52 2.58
N LYS A 11 6.40 -6.18 2.72
CA LYS A 11 5.97 -7.18 1.74
C LYS A 11 5.04 -6.54 0.70
N PHE A 12 3.86 -7.12 0.54
CA PHE A 12 2.85 -6.61 -0.40
C PHE A 12 1.50 -6.57 0.30
N LYS A 13 1.30 -5.54 1.11
CA LYS A 13 0.06 -5.41 1.86
C LYS A 13 -1.01 -4.64 1.08
N CYS A 14 -0.65 -3.46 0.59
CA CYS A 14 -1.61 -2.63 -0.13
C CYS A 14 -1.64 -2.98 -1.61
N TYR A 15 -2.85 -3.15 -2.12
CA TYR A 15 -3.08 -3.46 -3.52
C TYR A 15 -4.46 -2.98 -3.91
N THR A 16 -4.91 -1.96 -3.20
CA THR A 16 -6.19 -1.33 -3.42
C THR A 16 -6.12 -0.47 -4.69
N PRO A 17 -7.19 -0.41 -5.49
CA PRO A 17 -7.22 0.37 -6.73
C PRO A 17 -6.58 1.75 -6.58
N ARG A 18 -5.66 2.05 -7.51
CA ARG A 18 -4.94 3.33 -7.54
C ARG A 18 -3.98 3.44 -6.34
N CYS A 19 -3.55 2.30 -5.81
CA CYS A 19 -2.62 2.27 -4.68
C CYS A 19 -1.80 0.98 -4.73
N SER A 20 -0.58 1.03 -4.24
CA SER A 20 0.27 -0.14 -4.25
C SER A 20 1.27 -0.14 -3.11
N CYS A 21 1.57 -1.34 -2.64
CA CYS A 21 2.53 -1.49 -1.58
C CYS A 21 3.92 -1.39 -2.18
N SER A 22 4.45 -0.18 -2.17
CA SER A 22 5.76 0.10 -2.71
C SER A 22 6.76 -0.11 -1.59
N TYR A 23 7.06 -1.38 -1.35
CA TYR A 23 7.94 -1.80 -0.27
C TYR A 23 9.08 -0.81 -0.05
N PRO A 24 9.22 -0.38 1.20
CA PRO A 24 8.38 -0.84 2.29
C PRO A 24 7.28 0.15 2.70
N VAL A 25 6.56 0.77 1.75
CA VAL A 25 5.50 1.73 2.10
C VAL A 25 4.37 1.73 1.07
N CYS A 26 3.15 1.84 1.57
CA CYS A 26 1.99 1.90 0.72
C CYS A 26 1.89 3.28 0.08
N LYS A 27 1.69 3.33 -1.22
CA LYS A 27 1.62 4.59 -1.92
C LYS A 27 0.71 4.48 -3.14
N SER A 1 -2.44 5.73 -3.21
CA SER A 1 -2.78 5.13 -1.89
C SER A 1 -4.29 5.15 -1.72
N ALA A 2 -4.86 4.02 -1.33
CA ALA A 2 -6.28 3.92 -1.12
C ALA A 2 -6.60 4.03 0.37
N ILE A 3 -7.87 3.83 0.72
CA ILE A 3 -8.30 3.90 2.11
C ILE A 3 -7.59 2.83 2.93
N SER A 4 -7.50 1.63 2.37
CA SER A 4 -6.86 0.51 3.04
C SER A 4 -5.33 0.55 2.88
N CYS A 5 -4.76 1.74 2.91
CA CYS A 5 -3.35 1.92 2.78
C CYS A 5 -2.87 2.97 3.78
N GLY A 6 -2.28 4.04 3.26
CA GLY A 6 -1.80 5.14 4.09
C GLY A 6 -0.88 4.75 5.22
N GLU A 7 0.06 3.84 4.96
CA GLU A 7 1.01 3.41 6.00
C GLU A 7 2.18 2.66 5.40
N THR A 8 2.87 1.92 6.24
CA THR A 8 4.03 1.13 5.85
C THR A 8 3.61 -0.17 5.17
N CYS A 9 4.50 -0.75 4.37
CA CYS A 9 4.19 -1.99 3.71
C CYS A 9 5.46 -2.80 3.44
N PHE A 10 5.86 -3.59 4.42
CA PHE A 10 7.06 -4.41 4.31
C PHE A 10 6.75 -5.73 3.59
N LYS A 11 6.05 -5.65 2.47
CA LYS A 11 5.69 -6.82 1.68
C LYS A 11 4.90 -6.39 0.43
N PHE A 12 3.62 -6.76 0.37
CA PHE A 12 2.77 -6.39 -0.77
C PHE A 12 1.31 -6.31 -0.32
N LYS A 13 1.05 -5.73 0.84
CA LYS A 13 -0.32 -5.63 1.34
C LYS A 13 -1.03 -4.35 0.93
N CYS A 14 -0.77 -3.88 -0.28
CA CYS A 14 -1.41 -2.67 -0.76
C CYS A 14 -1.80 -2.82 -2.22
N TYR A 15 -2.56 -3.87 -2.49
CA TYR A 15 -3.04 -4.15 -3.84
C TYR A 15 -4.43 -3.55 -4.03
N THR A 16 -4.74 -2.56 -3.19
CA THR A 16 -6.01 -1.87 -3.23
C THR A 16 -6.02 -0.89 -4.41
N PRO A 17 -7.18 -0.73 -5.09
CA PRO A 17 -7.30 0.18 -6.23
C PRO A 17 -6.73 1.57 -5.94
N ARG A 18 -5.89 2.05 -6.86
CA ARG A 18 -5.25 3.36 -6.73
C ARG A 18 -4.30 3.37 -5.52
N CYS A 19 -3.64 2.24 -5.31
CA CYS A 19 -2.70 2.07 -4.22
C CYS A 19 -1.63 1.08 -4.62
N SER A 20 -0.42 1.26 -4.11
CA SER A 20 0.68 0.38 -4.44
C SER A 20 1.63 0.18 -3.28
N CYS A 21 1.98 -1.07 -3.07
CA CYS A 21 2.89 -1.42 -2.02
C CYS A 21 4.30 -1.51 -2.56
N SER A 22 5.00 -0.40 -2.46
CA SER A 22 6.38 -0.30 -2.90
C SER A 22 7.23 -0.54 -1.69
N TYR A 23 7.30 -1.81 -1.28
CA TYR A 23 8.01 -2.22 -0.07
C TYR A 23 9.33 -1.46 0.09
N PRO A 24 9.55 -0.95 1.29
CA PRO A 24 8.63 -1.11 2.40
C PRO A 24 7.71 0.10 2.63
N VAL A 25 7.12 0.65 1.56
CA VAL A 25 6.23 1.80 1.71
C VAL A 25 4.93 1.58 0.95
N CYS A 26 3.84 2.07 1.50
CA CYS A 26 2.55 1.95 0.88
C CYS A 26 2.04 3.32 0.47
N LYS A 27 1.76 3.49 -0.81
CA LYS A 27 1.31 4.77 -1.33
C LYS A 27 0.40 4.56 -2.53
#